data_6IHB
#
_entry.id   6IHB
#
_cell.length_a   1
_cell.length_b   1
_cell.length_c   1
_cell.angle_alpha   90.00
_cell.angle_beta   90.00
_cell.angle_gamma   90.00
#
_symmetry.space_group_name_H-M   'P 1'
#
loop_
_entity.id
_entity.type
_entity.pdbx_description
1 polymer 'Dyslexia-associated protein KIAA0319-like protein'
2 polymer 'Capsid protein VP1'
#
loop_
_entity_poly.entity_id
_entity_poly.type
_entity_poly.pdbx_seq_one_letter_code
_entity_poly.pdbx_strand_id
1 'polypeptide(L)'
;KNRPPIAIVSPQFQEISLPTTSTVIDGSQSTDDDKIVQYHWEELKGPLREEKISEDTAILKLSKLVPGNYTFSLTVVDSD
GATNSTTANLTVNK
;
R
2 'polypeptide(L)'
;MAADGYLPDWLEDTLSEGIRQWWKLKPGPPPPKPAERHKDDSRGLVLPGYKYLGPFNGLDKGEPVNEADAAALEHDKAYD
RQLDSGDNPYLKYNHADAEFQERLKEDTSFGGNLGRAVFQAKKRVLEPLGLVEEPVKTAPGKKRPVEHSPVEPDSSSGTG
KAGQQPARKRLNFGQTGDADSVPDPQPLGQPPAAPSGLGTNTMATGSGAPMADNNEGADGVGNSSGNWHCDSTWMGDRVI
TTSTRTWALPTYNNHLYKQISSQSGASNDNHYFGYSTPWGYFDFNRFHCHFSPRDWQRLINNNWGFRPKRLNFKLFNIQV
KEVTQNDGTTTIANNLTSTVQVFTDSEYQLPYVLGSAHQGCLPPFPADVFMVPQYGYLTLNNGSQAVGRSSFYCLEYFPS
QMLRTGNNFTFSYTFEDVPFHSSYAHSQSLDRLMNPLIDQYLYYLSRTNTPSGTTTQSRLQFSQAGASDIRDQSRNWLPG
PCYRQQRVSKTSADNNNSEYSWTGATKYHLNGRDSLVNPGPAMASHKDDEEKFFPQSGVLIFGKQGSEKTNVDIEKVMIT
DEEEIRTTNPVATEQYGSVSTNLQRGNRQAATADVNTQGVLPGMVWQDRDVYLQGPIWAKIPHTDGHFHPSPLMGGFGLK
HPPPQILIKNTPVPANPSTTFSAAKFASFITQYSTGQVSVEIEWELQKENSKRWNPEIQYTSNYNKSVNVDFTVDTNGVY
SEPRPIGTRYLTRNL
;
A
#
# COMPACT_ATOMS: atom_id res chain seq x y z
N LYS A 1 -5.33 34.48 -4.82
CA LYS A 1 -4.31 35.14 -5.62
C LYS A 1 -3.11 34.22 -5.86
N ASN A 2 -3.00 33.67 -7.07
CA ASN A 2 -1.92 32.74 -7.36
C ASN A 2 -0.59 33.46 -7.52
N ARG A 3 0.46 33.05 -6.78
CA ARG A 3 1.73 33.79 -6.84
C ARG A 3 2.43 33.78 -8.19
N PRO A 4 3.01 32.66 -8.64
CA PRO A 4 3.28 32.48 -10.07
C PRO A 4 2.93 31.06 -10.54
N PRO A 5 3.91 30.15 -10.46
CA PRO A 5 3.83 28.70 -10.33
C PRO A 5 5.26 28.25 -10.10
N ILE A 6 5.66 27.83 -8.91
CA ILE A 6 7.08 27.73 -8.62
C ILE A 6 7.63 26.41 -9.17
N ALA A 7 8.50 26.51 -10.17
CA ALA A 7 8.97 25.36 -10.93
C ALA A 7 10.33 24.92 -10.43
N ILE A 8 10.54 23.61 -10.39
CA ILE A 8 11.81 23.01 -9.99
C ILE A 8 12.01 21.74 -10.82
N VAL A 9 13.26 21.40 -11.08
CA VAL A 9 13.59 20.36 -12.05
C VAL A 9 14.40 19.26 -11.37
N SER A 10 14.17 18.02 -11.81
CA SER A 10 14.87 16.79 -11.49
C SER A 10 16.29 16.89 -12.03
N PRO A 11 17.32 16.38 -11.30
CA PRO A 11 18.59 17.09 -11.01
C PRO A 11 19.24 17.93 -12.10
N GLN A 12 19.77 19.07 -11.67
CA GLN A 12 20.35 20.04 -12.58
C GLN A 12 21.71 19.61 -13.13
N PHE A 13 22.29 18.52 -12.61
CA PHE A 13 23.52 17.96 -13.13
C PHE A 13 23.27 16.51 -13.50
N GLN A 14 23.45 16.19 -14.78
CA GLN A 14 23.07 14.89 -15.34
C GLN A 14 24.20 14.36 -16.23
N GLU A 15 25.39 14.21 -15.66
CA GLU A 15 26.58 13.62 -16.29
C GLU A 15 26.28 12.29 -16.98
N ILE A 16 26.67 12.19 -18.25
CA ILE A 16 26.39 11.04 -19.11
C ILE A 16 27.69 10.64 -19.81
N SER A 17 27.94 9.34 -19.91
CA SER A 17 29.04 8.82 -20.71
C SER A 17 28.51 8.05 -21.90
N LEU A 18 29.32 8.01 -22.97
CA LEU A 18 29.05 7.19 -24.13
C LEU A 18 29.16 5.71 -23.75
N PRO A 19 28.48 4.80 -24.50
CA PRO A 19 27.61 4.89 -25.68
C PRO A 19 26.16 5.23 -25.40
N THR A 20 25.68 4.94 -24.19
CA THR A 20 24.26 5.09 -23.88
C THR A 20 23.90 6.57 -23.76
N THR A 21 23.44 7.16 -24.87
CA THR A 21 23.09 8.58 -24.92
C THR A 21 21.56 8.70 -24.91
N SER A 22 21.01 8.61 -23.70
CA SER A 22 19.57 8.76 -23.51
C SER A 22 19.34 9.15 -22.06
N THR A 23 18.73 10.32 -21.84
CA THR A 23 18.49 10.83 -20.51
C THR A 23 17.02 11.16 -20.34
N VAL A 24 16.64 11.42 -19.09
CA VAL A 24 15.29 11.83 -18.73
C VAL A 24 15.39 12.97 -17.74
N ILE A 25 14.81 14.13 -18.08
CA ILE A 25 14.61 15.22 -17.14
C ILE A 25 13.12 15.36 -16.85
N ASP A 26 12.79 15.67 -15.60
CA ASP A 26 11.41 15.69 -15.15
C ASP A 26 11.05 17.09 -14.66
N GLY A 27 9.78 17.44 -14.84
CA GLY A 27 9.23 18.66 -14.29
C GLY A 27 7.94 18.41 -13.54
N SER A 28 7.75 17.16 -13.10
CA SER A 28 6.59 16.83 -12.28
C SER A 28 6.71 17.38 -10.87
N GLN A 29 7.92 17.79 -10.46
CA GLN A 29 8.14 18.38 -9.16
C GLN A 29 7.71 19.85 -9.10
N SER A 30 7.31 20.44 -10.22
CA SER A 30 6.93 21.84 -10.25
C SER A 30 5.59 22.04 -9.55
N THR A 31 5.54 23.01 -8.64
CA THR A 31 4.42 23.19 -7.75
C THR A 31 3.77 24.55 -7.94
N ASP A 32 2.54 24.67 -7.43
CA ASP A 32 1.70 25.85 -7.57
C ASP A 32 0.55 25.70 -6.58
N ASP A 33 -0.14 26.81 -6.30
CA ASP A 33 -1.30 26.71 -5.43
C ASP A 33 -2.54 26.15 -6.11
N ASP A 34 -2.43 25.96 -7.43
CA ASP A 34 -3.45 25.31 -8.25
C ASP A 34 -2.72 24.53 -9.35
N LYS A 35 -3.47 23.81 -10.18
CA LYS A 35 -2.87 22.93 -11.17
C LYS A 35 -2.06 23.64 -12.26
N ILE A 36 -0.97 23.02 -12.69
CA ILE A 36 -0.17 23.53 -13.78
C ILE A 36 -0.69 22.93 -15.07
N VAL A 37 -1.13 23.78 -16.00
CA VAL A 37 -1.72 23.31 -17.24
C VAL A 37 -0.65 23.07 -18.31
N GLN A 38 0.22 24.03 -18.54
CA GLN A 38 1.15 23.98 -19.65
C GLN A 38 2.56 23.74 -19.15
N TYR A 39 3.27 22.83 -19.80
CA TYR A 39 4.70 22.62 -19.63
C TYR A 39 5.40 22.94 -20.94
N HIS A 40 6.64 23.42 -20.84
CA HIS A 40 7.39 23.75 -22.04
C HIS A 40 8.86 23.50 -21.80
N TRP A 41 9.47 22.69 -22.65
CA TRP A 41 10.91 22.47 -22.65
C TRP A 41 11.51 23.10 -23.89
N GLU A 42 12.67 23.73 -23.72
CA GLU A 42 13.34 24.40 -24.82
C GLU A 42 14.85 24.23 -24.67
N GLU A 43 15.48 23.71 -25.71
CA GLU A 43 16.93 23.58 -25.73
C GLU A 43 17.58 24.94 -25.85
N LEU A 44 18.55 25.21 -24.98
CA LEU A 44 19.29 26.47 -25.02
C LEU A 44 20.66 26.24 -25.65
N LYS A 45 21.45 25.36 -25.04
CA LYS A 45 22.80 25.07 -25.49
C LYS A 45 22.90 23.64 -25.97
N GLY A 46 24.04 23.32 -26.57
CA GLY A 46 24.29 21.99 -27.09
C GLY A 46 24.48 21.98 -28.60
N PRO A 47 24.97 20.86 -29.13
CA PRO A 47 25.09 20.74 -30.58
C PRO A 47 23.75 20.54 -31.26
N LEU A 48 23.79 20.49 -32.59
CA LEU A 48 22.58 20.41 -33.40
C LEU A 48 22.36 18.98 -33.88
N ARG A 49 21.31 18.82 -34.71
CA ARG A 49 20.87 17.56 -35.30
C ARG A 49 20.52 16.52 -34.22
N GLU A 50 19.47 16.84 -33.46
CA GLU A 50 18.84 15.89 -32.56
C GLU A 50 17.33 15.96 -32.74
N GLU A 51 16.70 14.80 -32.87
CA GLU A 51 15.24 14.73 -32.87
C GLU A 51 14.73 14.85 -31.44
N LYS A 52 13.61 15.54 -31.28
CA LYS A 52 13.05 15.80 -29.96
C LYS A 52 11.81 14.95 -29.71
N ILE A 53 11.58 14.59 -28.45
CA ILE A 53 10.47 13.75 -28.04
C ILE A 53 9.78 14.43 -26.86
N SER A 54 8.50 14.77 -27.04
CA SER A 54 7.59 15.28 -26.00
C SER A 54 8.11 16.57 -25.37
N GLU A 55 8.16 17.61 -26.20
CA GLU A 55 8.53 18.94 -25.72
C GLU A 55 7.44 19.60 -24.87
N ASP A 56 6.21 19.10 -24.91
CA ASP A 56 5.10 19.71 -24.19
C ASP A 56 4.62 18.86 -23.02
N THR A 57 5.47 18.01 -22.47
CA THR A 57 5.14 17.22 -21.29
C THR A 57 6.02 17.67 -20.13
N ALA A 58 5.78 17.07 -18.96
CA ALA A 58 6.59 17.33 -17.79
C ALA A 58 7.86 16.48 -17.75
N ILE A 59 7.99 15.51 -18.65
CA ILE A 59 9.10 14.56 -18.65
C ILE A 59 9.78 14.59 -20.00
N LEU A 60 11.10 14.78 -20.00
CA LEU A 60 11.87 14.73 -21.24
C LEU A 60 12.29 13.30 -21.57
N LYS A 61 12.34 13.02 -22.87
CA LYS A 61 12.90 11.78 -23.40
C LYS A 61 13.81 12.17 -24.55
N LEU A 62 15.07 11.76 -24.47
CA LEU A 62 16.06 12.11 -25.48
C LEU A 62 16.76 10.86 -25.99
N SER A 63 17.14 10.90 -27.27
CA SER A 63 17.86 9.79 -27.88
C SER A 63 18.81 10.34 -28.93
N LYS A 64 19.91 9.60 -29.15
CA LYS A 64 21.00 9.95 -30.06
C LYS A 64 21.58 11.32 -29.73
N LEU A 65 22.05 11.45 -28.50
CA LEU A 65 22.65 12.70 -28.04
C LEU A 65 24.09 12.78 -28.53
N VAL A 66 24.38 13.81 -29.35
CA VAL A 66 25.76 14.14 -29.70
C VAL A 66 26.48 14.60 -28.44
N PRO A 67 27.70 14.15 -28.17
CA PRO A 67 28.39 14.55 -26.93
C PRO A 67 28.73 16.03 -26.89
N GLY A 68 28.32 16.67 -25.81
CA GLY A 68 28.53 18.09 -25.66
C GLY A 68 28.05 18.55 -24.30
N ASN A 69 27.46 19.75 -24.26
CA ASN A 69 26.89 20.32 -23.05
C ASN A 69 25.53 20.92 -23.39
N TYR A 70 24.46 20.17 -23.11
CA TYR A 70 23.11 20.65 -23.39
C TYR A 70 22.58 21.45 -22.22
N THR A 71 21.74 22.42 -22.53
CA THR A 71 21.04 23.22 -21.52
C THR A 71 19.59 23.35 -21.94
N PHE A 72 18.68 22.98 -21.05
CA PHE A 72 17.25 23.03 -21.31
C PHE A 72 16.59 24.01 -20.35
N SER A 73 15.35 24.36 -20.64
CA SER A 73 14.62 25.32 -19.82
C SER A 73 13.19 24.83 -19.65
N LEU A 74 12.86 24.37 -18.45
CA LEU A 74 11.48 24.05 -18.11
C LEU A 74 10.70 25.33 -17.88
N THR A 75 9.54 25.42 -18.52
CA THR A 75 8.67 26.59 -18.41
C THR A 75 7.26 26.11 -18.12
N VAL A 76 6.71 26.55 -16.98
CA VAL A 76 5.35 26.21 -16.60
C VAL A 76 4.47 27.44 -16.73
N VAL A 77 3.18 27.21 -16.92
CA VAL A 77 2.18 28.26 -17.07
C VAL A 77 1.03 27.96 -16.12
N ASP A 78 0.63 28.97 -15.36
CA ASP A 78 -0.45 28.87 -14.39
C ASP A 78 -1.81 28.93 -15.10
N SER A 79 -2.88 28.62 -14.36
CA SER A 79 -4.25 28.79 -14.82
C SER A 79 -5.03 29.62 -13.79
N ASP A 80 -5.17 30.93 -14.02
CA ASP A 80 -4.76 31.61 -15.26
C ASP A 80 -3.32 32.10 -15.22
N GLY A 81 -2.87 32.60 -16.36
CA GLY A 81 -1.45 32.71 -16.74
C GLY A 81 -0.50 33.41 -15.76
N ALA A 82 0.56 32.67 -15.42
CA ALA A 82 1.72 33.18 -14.69
C ALA A 82 2.87 32.22 -14.96
N THR A 83 4.02 32.76 -15.37
CA THR A 83 5.06 31.97 -16.01
C THR A 83 6.33 31.99 -15.16
N ASN A 84 6.87 30.80 -14.90
CA ASN A 84 8.15 30.64 -14.24
C ASN A 84 9.03 29.72 -15.08
N SER A 85 10.33 30.02 -15.11
CA SER A 85 11.27 29.27 -15.94
C SER A 85 12.53 28.97 -15.16
N THR A 86 12.88 27.68 -15.09
CA THR A 86 14.14 27.25 -14.52
C THR A 86 14.89 26.42 -15.55
N THR A 87 16.19 26.27 -15.33
CA THR A 87 17.07 25.60 -16.27
C THR A 87 17.58 24.28 -15.68
N ALA A 88 18.13 23.46 -16.57
CA ALA A 88 18.77 22.21 -16.20
C ALA A 88 19.97 22.01 -17.12
N ASN A 89 21.08 21.54 -16.55
CA ASN A 89 22.32 21.38 -17.29
C ASN A 89 22.58 19.91 -17.57
N LEU A 90 23.05 19.63 -18.79
CA LEU A 90 23.47 18.31 -19.20
C LEU A 90 24.97 18.35 -19.47
N THR A 91 25.62 17.19 -19.33
CA THR A 91 27.03 17.04 -19.68
C THR A 91 27.21 15.62 -20.20
N VAL A 92 27.54 15.49 -21.48
CA VAL A 92 27.74 14.19 -22.11
C VAL A 92 29.22 14.09 -22.45
N ASN A 93 29.99 13.45 -21.57
CA ASN A 93 31.39 13.20 -21.85
C ASN A 93 31.53 11.93 -22.69
N LYS A 94 32.74 11.70 -23.19
CA LYS A 94 33.01 10.53 -24.02
C LYS A 94 33.13 9.27 -23.18
N ASP B 219 -23.26 2.25 37.43
CA ASP B 219 -21.91 1.82 37.71
C ASP B 219 -21.25 2.74 38.73
N GLY B 220 -20.88 3.93 38.28
CA GLY B 220 -20.33 4.94 39.18
C GLY B 220 -18.88 5.27 38.90
N VAL B 221 -18.34 6.12 39.76
CA VAL B 221 -16.96 6.59 39.59
C VAL B 221 -15.97 5.56 40.07
N GLY B 222 -16.17 5.03 41.27
CA GLY B 222 -15.22 4.10 41.84
C GLY B 222 -15.50 2.65 41.53
N ASN B 223 -16.02 2.39 40.34
CA ASN B 223 -16.32 1.03 39.90
C ASN B 223 -15.77 0.87 38.49
N SER B 224 -15.11 -0.25 38.25
CA SER B 224 -14.52 -0.52 36.95
C SER B 224 -15.61 -0.95 35.98
N SER B 225 -15.52 -0.47 34.73
CA SER B 225 -16.52 -0.74 33.72
C SER B 225 -16.07 -1.80 32.71
N GLY B 226 -15.10 -2.62 33.07
CA GLY B 226 -14.62 -3.65 32.19
C GLY B 226 -13.29 -4.18 32.66
N ASN B 227 -12.93 -5.34 32.14
CA ASN B 227 -11.71 -6.03 32.54
C ASN B 227 -10.76 -6.15 31.36
N TRP B 228 -9.51 -6.47 31.69
CA TRP B 228 -8.46 -6.63 30.69
C TRP B 228 -8.61 -8.02 30.08
N HIS B 229 -9.03 -8.09 28.83
CA HIS B 229 -9.13 -9.35 28.10
C HIS B 229 -8.14 -9.28 26.95
N CYS B 230 -7.04 -10.02 27.06
CA CYS B 230 -6.04 -10.05 26.00
C CYS B 230 -5.52 -11.49 25.94
N ASP B 231 -6.15 -12.28 25.07
CA ASP B 231 -5.93 -13.72 25.06
C ASP B 231 -6.26 -14.22 23.66
N SER B 232 -5.86 -15.46 23.37
CA SER B 232 -6.26 -16.12 22.12
C SER B 232 -6.55 -17.58 22.42
N THR B 233 -7.76 -18.03 22.11
CA THR B 233 -8.18 -19.40 22.37
C THR B 233 -8.33 -20.14 21.05
N TRP B 234 -7.67 -21.29 20.95
CA TRP B 234 -7.66 -22.09 19.74
C TRP B 234 -8.64 -23.24 19.89
N MET B 235 -9.60 -23.32 18.97
CA MET B 235 -10.57 -24.39 18.91
C MET B 235 -10.27 -25.28 17.71
N GLY B 236 -11.19 -26.18 17.40
CA GLY B 236 -10.95 -27.18 16.36
C GLY B 236 -10.81 -26.57 14.98
N ASP B 237 -11.61 -25.55 14.68
CA ASP B 237 -11.43 -24.81 13.44
C ASP B 237 -11.62 -23.30 13.66
N ARG B 238 -11.52 -22.85 14.90
CA ARG B 238 -11.65 -21.45 15.24
C ARG B 238 -10.41 -21.00 16.00
N VAL B 239 -10.13 -19.70 15.91
CA VAL B 239 -9.28 -19.03 16.89
C VAL B 239 -9.91 -17.68 17.19
N ILE B 240 -10.03 -17.36 18.47
CA ILE B 240 -10.66 -16.13 18.92
C ILE B 240 -9.56 -15.31 19.57
N THR B 241 -9.03 -14.35 18.82
CA THR B 241 -7.96 -13.49 19.30
C THR B 241 -8.57 -12.25 19.95
N THR B 242 -8.32 -12.08 21.25
CA THR B 242 -8.79 -10.92 21.98
C THR B 242 -7.59 -10.04 22.33
N SER B 243 -7.73 -8.74 22.11
CA SER B 243 -6.68 -7.76 22.42
C SER B 243 -7.24 -6.70 23.34
N THR B 244 -6.37 -6.09 24.13
CA THR B 244 -6.75 -4.92 24.91
C THR B 244 -5.58 -3.97 24.95
N ARG B 245 -5.85 -2.69 24.68
CA ARG B 245 -4.84 -1.64 24.69
C ARG B 245 -5.35 -0.48 25.51
N THR B 246 -4.41 0.37 25.94
CA THR B 246 -4.74 1.63 26.60
C THR B 246 -4.55 2.77 25.60
N TRP B 247 -5.59 3.59 25.44
CA TRP B 247 -5.54 4.70 24.50
C TRP B 247 -5.52 6.04 25.23
N ALA B 248 -5.22 7.07 24.47
CA ALA B 248 -5.21 8.46 24.94
C ALA B 248 -5.72 9.34 23.83
N LEU B 249 -6.77 10.10 24.10
CA LEU B 249 -7.40 10.93 23.09
C LEU B 249 -7.25 12.40 23.42
N PRO B 250 -6.53 13.17 22.62
CA PRO B 250 -6.44 14.62 22.85
C PRO B 250 -7.62 15.34 22.22
N THR B 251 -7.57 16.66 22.29
CA THR B 251 -8.50 17.53 21.58
C THR B 251 -7.85 17.96 20.27
N TYR B 252 -8.49 17.62 19.17
CA TYR B 252 -7.97 17.95 17.85
C TYR B 252 -8.63 19.20 17.30
N ASN B 253 -7.83 20.03 16.64
CA ASN B 253 -8.19 21.28 15.98
C ASN B 253 -8.79 22.33 16.90
N ASN B 254 -8.67 22.15 18.22
CA ASN B 254 -9.40 22.91 19.24
C ASN B 254 -10.90 22.91 18.95
N HIS B 255 -11.44 21.70 18.77
CA HIS B 255 -12.87 21.41 18.58
C HIS B 255 -13.44 22.04 17.31
N LEU B 256 -12.64 22.12 16.24
CA LEU B 256 -13.06 22.79 15.02
C LEU B 256 -13.00 21.86 13.81
N TYR B 257 -13.85 22.13 12.85
CA TYR B 257 -13.74 21.55 11.52
C TYR B 257 -12.96 22.50 10.64
N LYS B 258 -11.90 22.01 10.00
CA LYS B 258 -11.02 22.86 9.22
C LYS B 258 -10.91 22.33 7.81
N GLN B 259 -11.28 23.15 6.84
CA GLN B 259 -10.94 22.91 5.44
C GLN B 259 -9.44 22.87 5.26
N ILE B 260 -8.95 21.79 4.67
CA ILE B 260 -7.54 21.63 4.35
C ILE B 260 -7.41 21.35 2.86
N SER B 261 -6.29 21.79 2.28
CA SER B 261 -6.06 21.64 0.85
C SER B 261 -4.57 21.79 0.59
N SER B 262 -4.21 21.72 -0.69
CA SER B 262 -2.87 22.02 -1.17
C SER B 262 -2.73 23.47 -1.61
N GLN B 263 -3.15 24.40 -0.75
CA GLN B 263 -3.03 25.81 -1.11
C GLN B 263 -1.58 26.28 -1.00
N SER B 264 -0.76 25.57 -0.22
CA SER B 264 0.63 25.98 0.01
C SER B 264 1.55 25.28 -1.01
N GLY B 265 1.18 25.41 -2.29
CA GLY B 265 2.09 25.08 -3.36
C GLY B 265 2.45 23.62 -3.58
N ALA B 266 1.52 22.81 -4.09
CA ALA B 266 1.81 21.42 -4.41
C ALA B 266 1.81 21.21 -5.91
N SER B 267 2.42 20.10 -6.33
CA SER B 267 2.43 19.75 -7.73
C SER B 267 1.06 19.22 -8.15
N ASN B 268 0.91 19.02 -9.47
CA ASN B 268 -0.39 18.66 -10.05
C ASN B 268 -0.87 17.30 -9.56
N ASP B 269 0.06 16.38 -9.31
CA ASP B 269 -0.30 15.08 -8.77
C ASP B 269 -0.54 15.12 -7.27
N ASN B 270 -0.14 16.20 -6.60
CA ASN B 270 -0.14 16.27 -5.15
C ASN B 270 -1.25 17.14 -4.58
N HIS B 271 -2.15 17.66 -5.41
CA HIS B 271 -3.22 18.49 -4.89
C HIS B 271 -4.29 17.64 -4.22
N TYR B 272 -4.78 18.13 -3.10
CA TYR B 272 -5.90 17.51 -2.42
C TYR B 272 -6.83 18.61 -1.92
N PHE B 273 -8.03 18.20 -1.53
CA PHE B 273 -8.98 19.07 -0.87
C PHE B 273 -9.78 18.23 0.10
N GLY B 274 -9.86 18.66 1.35
CA GLY B 274 -10.62 17.90 2.31
C GLY B 274 -10.86 18.65 3.59
N TYR B 275 -11.20 17.91 4.63
CA TYR B 275 -11.57 18.47 5.91
C TYR B 275 -10.90 17.70 7.03
N SER B 276 -10.45 18.42 8.05
CA SER B 276 -9.96 17.82 9.28
C SER B 276 -11.02 18.01 10.36
N THR B 277 -11.29 16.96 11.10
CA THR B 277 -12.35 16.94 12.09
C THR B 277 -11.76 16.97 13.50
N PRO B 278 -12.55 17.30 14.52
CA PRO B 278 -12.07 17.15 15.90
C PRO B 278 -12.08 15.71 16.39
N TRP B 279 -12.49 14.76 15.56
CA TRP B 279 -12.78 13.40 15.96
C TRP B 279 -11.56 12.51 15.85
N GLY B 280 -11.47 11.56 16.77
CA GLY B 280 -10.52 10.49 16.67
C GLY B 280 -11.19 9.24 16.16
N TYR B 281 -10.41 8.32 15.61
CA TYR B 281 -10.96 7.05 15.16
C TYR B 281 -10.10 5.90 15.64
N PHE B 282 -10.75 4.78 15.95
CA PHE B 282 -10.04 3.58 16.36
C PHE B 282 -9.78 2.69 15.15
N ASP B 283 -8.53 2.29 14.99
CA ASP B 283 -8.09 1.45 13.90
C ASP B 283 -7.45 0.20 14.48
N PHE B 284 -7.84 -0.95 13.97
CA PHE B 284 -7.24 -2.23 14.35
C PHE B 284 -7.05 -3.09 13.11
N ASN B 285 -6.73 -2.45 12.00
CA ASN B 285 -6.58 -3.10 10.70
C ASN B 285 -5.13 -3.48 10.44
N ARG B 286 -4.52 -4.17 11.39
CA ARG B 286 -3.20 -4.77 11.27
C ARG B 286 -3.28 -6.16 11.88
N PHE B 287 -2.52 -7.10 11.35
CA PHE B 287 -2.59 -8.45 11.92
C PHE B 287 -1.89 -8.57 13.26
N HIS B 288 -0.89 -7.73 13.56
CA HIS B 288 -0.26 -7.81 14.88
C HIS B 288 -1.11 -7.24 15.99
N CYS B 289 -2.16 -6.49 15.67
CA CYS B 289 -3.09 -6.01 16.68
C CYS B 289 -3.83 -7.15 17.36
N HIS B 290 -3.91 -8.31 16.72
CA HIS B 290 -4.69 -9.43 17.20
C HIS B 290 -3.86 -10.67 17.43
N PHE B 291 -2.79 -10.87 16.67
CA PHE B 291 -1.96 -12.06 16.75
C PHE B 291 -0.62 -11.72 17.38
N SER B 292 -0.23 -12.48 18.39
CA SER B 292 1.13 -12.50 18.85
C SER B 292 2.00 -13.21 17.81
N PRO B 293 3.31 -13.02 17.85
CA PRO B 293 4.19 -13.79 16.93
C PRO B 293 4.15 -15.28 17.16
N ARG B 294 3.81 -15.75 18.36
CA ARG B 294 3.61 -17.17 18.57
C ARG B 294 2.29 -17.63 17.97
N ASP B 295 1.22 -16.86 18.15
CA ASP B 295 -0.07 -17.25 17.59
C ASP B 295 -0.12 -17.08 16.09
N TRP B 296 0.68 -16.16 15.55
CA TRP B 296 0.81 -16.09 14.10
C TRP B 296 1.56 -17.29 13.56
N GLN B 297 2.53 -17.79 14.33
CA GLN B 297 3.28 -18.98 13.92
C GLN B 297 2.41 -20.23 13.97
N ARG B 298 1.50 -20.31 14.94
CA ARG B 298 0.53 -21.40 14.98
C ARG B 298 -0.43 -21.32 13.81
N LEU B 299 -0.74 -20.11 13.35
CA LEU B 299 -1.64 -19.92 12.22
C LEU B 299 -0.99 -20.39 10.93
N ILE B 300 0.24 -19.99 10.67
CA ILE B 300 0.81 -20.12 9.34
C ILE B 300 1.47 -21.48 9.09
N ASN B 301 1.77 -22.25 10.13
CA ASN B 301 2.42 -23.53 9.93
C ASN B 301 1.45 -24.70 9.97
N ASN B 302 0.17 -24.45 10.19
CA ASN B 302 -0.78 -25.51 10.40
C ASN B 302 -2.06 -25.35 9.60
N ASN B 303 -2.20 -24.26 8.85
CA ASN B 303 -3.47 -23.93 8.22
C ASN B 303 -3.24 -23.54 6.77
N TRP B 304 -4.10 -24.04 5.90
CA TRP B 304 -4.12 -23.65 4.50
C TRP B 304 -4.97 -22.41 4.25
N GLY B 305 -5.68 -21.91 5.25
CA GLY B 305 -6.54 -20.78 5.04
C GLY B 305 -7.10 -20.25 6.33
N PHE B 306 -7.48 -18.99 6.31
CA PHE B 306 -8.15 -18.35 7.42
C PHE B 306 -8.97 -17.19 6.91
N ARG B 307 -10.01 -16.84 7.66
CA ARG B 307 -10.84 -15.68 7.35
C ARG B 307 -11.51 -15.22 8.63
N PRO B 308 -11.84 -13.94 8.75
CA PRO B 308 -12.53 -13.48 9.95
C PRO B 308 -14.03 -13.72 9.86
N LYS B 309 -14.63 -14.00 11.01
CA LYS B 309 -16.06 -14.29 11.07
C LYS B 309 -16.87 -13.23 11.79
N ARG B 310 -16.47 -12.85 12.99
CA ARG B 310 -17.17 -11.84 13.73
C ARG B 310 -16.18 -11.10 14.61
N LEU B 311 -16.50 -9.86 14.94
CA LEU B 311 -15.71 -9.13 15.91
C LEU B 311 -16.61 -8.59 17.00
N ASN B 312 -15.96 -8.10 18.05
CA ASN B 312 -16.64 -7.54 19.19
C ASN B 312 -15.73 -6.47 19.76
N PHE B 313 -16.27 -5.28 19.95
CA PHE B 313 -15.49 -4.10 20.27
C PHE B 313 -15.98 -3.52 21.59
N LYS B 314 -15.05 -3.05 22.43
CA LYS B 314 -15.39 -2.47 23.71
C LYS B 314 -14.53 -1.25 24.01
N LEU B 315 -15.15 -0.21 24.53
CA LEU B 315 -14.48 0.91 25.19
C LEU B 315 -14.93 0.96 26.62
N PHE B 316 -13.99 1.09 27.55
CA PHE B 316 -14.31 0.99 28.97
C PHE B 316 -13.20 1.65 29.76
N ASN B 317 -13.51 1.92 31.04
CA ASN B 317 -12.63 2.59 32.00
C ASN B 317 -12.16 3.95 31.49
N ILE B 318 -13.11 4.77 31.11
CA ILE B 318 -12.83 6.04 30.46
C ILE B 318 -12.59 7.10 31.51
N GLN B 319 -11.44 7.77 31.42
CA GLN B 319 -11.04 8.79 32.38
C GLN B 319 -10.79 10.09 31.61
N VAL B 320 -11.48 11.15 32.01
CA VAL B 320 -11.30 12.46 31.39
C VAL B 320 -10.45 13.31 32.31
N LYS B 321 -9.30 13.73 31.83
CA LYS B 321 -8.34 14.52 32.59
C LYS B 321 -8.30 15.94 32.05
N GLU B 322 -8.34 16.92 32.95
CA GLU B 322 -8.19 18.32 32.57
C GLU B 322 -6.82 18.83 33.01
N VAL B 323 -6.24 19.73 32.23
CA VAL B 323 -4.89 20.22 32.46
C VAL B 323 -4.94 21.75 32.60
N THR B 324 -3.99 22.29 33.37
CA THR B 324 -4.01 23.69 33.77
C THR B 324 -2.64 24.30 33.51
N GLN B 325 -2.62 25.57 33.13
CA GLN B 325 -1.40 26.31 32.76
C GLN B 325 -0.77 27.03 33.95
N ASN B 326 -0.56 26.28 35.04
CA ASN B 326 -0.11 26.84 36.31
C ASN B 326 1.37 27.20 36.23
N ASP B 327 1.63 28.37 35.63
CA ASP B 327 2.95 29.03 35.60
C ASP B 327 4.03 28.15 34.94
N GLY B 328 3.66 27.49 33.84
CA GLY B 328 4.54 26.58 33.16
C GLY B 328 4.60 25.18 33.73
N THR B 329 3.98 24.96 34.89
CA THR B 329 3.89 23.64 35.49
C THR B 329 2.48 23.13 35.29
N THR B 330 2.32 22.16 34.39
CA THR B 330 1.00 21.63 34.08
C THR B 330 0.52 20.72 35.21
N THR B 331 -0.65 21.02 35.75
CA THR B 331 -1.30 20.18 36.75
C THR B 331 -2.46 19.46 36.10
N ILE B 332 -2.45 18.13 36.16
CA ILE B 332 -3.48 17.32 35.54
C ILE B 332 -4.39 16.80 36.63
N ALA B 333 -5.68 17.09 36.51
CA ALA B 333 -6.68 16.64 37.47
C ALA B 333 -7.80 15.92 36.73
N ASN B 334 -8.59 15.16 37.49
CA ASN B 334 -9.75 14.51 36.92
C ASN B 334 -10.83 15.53 36.58
N ASN B 335 -11.75 15.11 35.74
CA ASN B 335 -12.97 15.87 35.45
C ASN B 335 -14.07 14.82 35.35
N LEU B 336 -14.73 14.58 36.49
CA LEU B 336 -15.59 13.42 36.63
C LEU B 336 -16.92 13.57 35.92
N THR B 337 -17.30 14.79 35.54
CA THR B 337 -18.59 15.05 34.92
C THR B 337 -18.48 15.34 33.44
N SER B 338 -17.30 15.19 32.86
CA SER B 338 -17.11 15.44 31.44
C SER B 338 -17.33 14.16 30.65
N THR B 339 -17.92 14.29 29.47
CA THR B 339 -18.29 13.15 28.66
C THR B 339 -17.33 13.00 27.48
N VAL B 340 -17.46 11.86 26.80
CA VAL B 340 -16.71 11.53 25.59
C VAL B 340 -17.71 10.90 24.62
N GLN B 341 -17.84 11.47 23.43
CA GLN B 341 -18.82 11.02 22.45
C GLN B 341 -18.23 9.92 21.58
N VAL B 342 -18.97 8.82 21.42
CA VAL B 342 -18.55 7.69 20.60
C VAL B 342 -19.73 7.30 19.71
N PHE B 343 -19.48 7.12 18.42
CA PHE B 343 -20.46 6.46 17.55
C PHE B 343 -19.72 5.58 16.54
N THR B 344 -20.49 4.74 15.87
CA THR B 344 -19.98 3.88 14.81
C THR B 344 -20.64 4.24 13.48
N ASP B 345 -19.85 4.17 12.41
CA ASP B 345 -20.36 4.37 11.06
C ASP B 345 -20.90 3.06 10.52
N SER B 346 -21.99 2.61 11.14
CA SER B 346 -22.54 1.29 10.85
C SER B 346 -23.35 1.26 9.58
N GLU B 347 -23.63 2.41 8.97
CA GLU B 347 -24.36 2.47 7.72
C GLU B 347 -23.48 2.93 6.56
N TYR B 348 -22.19 3.20 6.83
CA TYR B 348 -21.16 3.51 5.83
C TYR B 348 -21.50 4.77 5.05
N GLN B 349 -21.88 5.81 5.79
CA GLN B 349 -22.31 7.07 5.21
C GLN B 349 -21.37 8.21 5.57
N LEU B 350 -20.14 7.88 5.93
CA LEU B 350 -18.98 8.76 6.01
C LEU B 350 -17.91 8.21 5.07
N PRO B 351 -16.91 9.01 4.71
CA PRO B 351 -15.76 8.46 3.99
C PRO B 351 -15.01 7.43 4.80
N TYR B 352 -14.67 6.32 4.16
CA TYR B 352 -14.04 5.20 4.83
C TYR B 352 -12.54 5.33 4.64
N VAL B 353 -11.89 5.89 5.66
CA VAL B 353 -10.46 6.18 5.65
C VAL B 353 -9.64 4.91 5.87
N LEU B 354 -10.17 3.95 6.61
CA LEU B 354 -9.46 2.72 6.93
C LEU B 354 -9.22 1.89 5.67
N GLY B 355 -8.19 1.05 5.71
CA GLY B 355 -7.78 0.34 4.53
C GLY B 355 -6.84 1.10 3.62
N SER B 356 -6.41 2.29 4.03
CA SER B 356 -5.39 3.04 3.32
C SER B 356 -4.03 2.91 3.99
N ALA B 357 -3.92 1.98 4.95
CA ALA B 357 -2.68 1.59 5.63
C ALA B 357 -2.01 2.76 6.34
N HIS B 358 -2.77 3.39 7.24
CA HIS B 358 -2.26 4.51 8.01
C HIS B 358 -1.75 4.09 9.38
N GLN B 359 -0.98 4.97 9.97
CA GLN B 359 -0.45 4.77 11.30
C GLN B 359 -1.54 4.95 12.35
N GLY B 360 -1.20 4.64 13.58
CA GLY B 360 -2.11 4.85 14.69
C GLY B 360 -3.08 3.74 14.95
N CYS B 361 -2.75 2.51 14.59
CA CYS B 361 -3.57 1.37 14.94
C CYS B 361 -3.28 0.99 16.39
N LEU B 362 -3.78 -0.17 16.81
CA LEU B 362 -3.36 -0.70 18.10
C LEU B 362 -1.89 -1.12 18.00
N PRO B 363 -1.13 -0.96 19.07
CA PRO B 363 0.28 -1.35 19.06
C PRO B 363 0.44 -2.85 18.93
N PRO B 364 1.61 -3.33 18.48
CA PRO B 364 1.81 -4.78 18.43
C PRO B 364 1.93 -5.42 19.80
N PHE B 365 2.52 -4.72 20.72
CA PHE B 365 2.84 -5.21 22.04
C PHE B 365 1.83 -4.67 23.04
N PRO B 366 1.19 -5.52 23.83
CA PRO B 366 0.00 -5.10 24.60
C PRO B 366 0.28 -4.13 25.73
N ALA B 367 1.54 -3.92 26.12
CA ALA B 367 1.86 -3.01 27.20
C ALA B 367 2.01 -1.57 26.74
N ASP B 368 1.83 -1.29 25.46
CA ASP B 368 2.06 0.04 24.93
C ASP B 368 0.79 0.87 24.91
N VAL B 369 0.90 2.12 25.31
CA VAL B 369 -0.20 3.06 25.25
C VAL B 369 -0.09 3.81 23.93
N PHE B 370 -1.19 3.88 23.19
CA PHE B 370 -1.17 4.54 21.90
C PHE B 370 -2.06 5.77 21.92
N MET B 371 -1.83 6.63 20.94
CA MET B 371 -2.60 7.85 20.74
C MET B 371 -3.60 7.63 19.61
N VAL B 372 -4.82 8.08 19.82
CA VAL B 372 -5.89 7.86 18.85
C VAL B 372 -5.72 8.83 17.69
N PRO B 373 -5.73 8.36 16.44
CA PRO B 373 -5.45 9.27 15.32
C PRO B 373 -6.60 10.20 15.02
N GLN B 374 -6.27 11.36 14.50
CA GLN B 374 -7.28 12.35 14.13
C GLN B 374 -8.00 11.93 12.86
N TYR B 375 -9.32 12.04 12.86
CA TYR B 375 -10.09 11.70 11.68
C TYR B 375 -10.13 12.86 10.70
N GLY B 376 -9.96 12.55 9.43
CA GLY B 376 -10.10 13.52 8.38
C GLY B 376 -10.19 12.81 7.06
N TYR B 377 -10.81 13.48 6.08
CA TYR B 377 -11.09 12.87 4.81
C TYR B 377 -10.80 13.83 3.68
N LEU B 378 -10.68 13.29 2.48
CA LEU B 378 -10.53 14.08 1.27
C LEU B 378 -11.80 14.04 0.45
N THR B 379 -11.91 14.99 -0.46
CA THR B 379 -13.10 15.15 -1.27
C THR B 379 -12.64 15.40 -2.70
N LEU B 380 -13.56 15.82 -3.56
CA LEU B 380 -13.21 16.17 -4.92
C LEU B 380 -12.45 17.49 -4.97
N ASN B 381 -11.44 17.54 -5.83
CA ASN B 381 -10.62 18.72 -5.97
C ASN B 381 -10.17 18.96 -7.41
N ASN B 382 -10.20 20.22 -7.82
CA ASN B 382 -9.72 20.62 -9.14
C ASN B 382 -8.49 21.49 -8.95
N GLY B 383 -7.37 20.85 -8.65
CA GLY B 383 -6.18 21.56 -8.22
C GLY B 383 -6.24 21.55 -6.71
N SER B 384 -6.17 22.73 -6.10
CA SER B 384 -6.29 22.80 -4.65
C SER B 384 -7.68 23.29 -4.29
N GLN B 385 -8.43 23.71 -5.30
CA GLN B 385 -9.79 24.18 -5.13
C GLN B 385 -10.76 23.02 -5.09
N ALA B 386 -12.03 23.31 -4.82
CA ALA B 386 -13.03 22.28 -4.74
C ALA B 386 -13.94 22.28 -5.97
N VAL B 387 -14.99 21.47 -5.86
CA VAL B 387 -16.01 21.32 -6.89
C VAL B 387 -17.35 21.38 -6.17
N GLY B 388 -18.42 21.68 -6.91
CA GLY B 388 -19.75 21.68 -6.34
C GLY B 388 -20.21 20.33 -5.83
N ARG B 389 -19.67 19.24 -6.38
CA ARG B 389 -19.98 17.88 -5.95
C ARG B 389 -19.25 17.47 -4.69
N SER B 390 -18.47 18.35 -4.07
CA SER B 390 -17.70 18.00 -2.89
C SER B 390 -18.61 17.98 -1.67
N SER B 391 -18.57 16.88 -0.94
CA SER B 391 -19.37 16.69 0.26
C SER B 391 -18.63 17.17 1.49
N PHE B 392 -19.36 17.80 2.40
CA PHE B 392 -18.89 18.13 3.73
C PHE B 392 -19.73 17.35 4.73
N TYR B 393 -19.06 16.71 5.70
CA TYR B 393 -19.71 15.87 6.68
C TYR B 393 -19.46 16.44 8.07
N CYS B 394 -20.51 16.89 8.73
CA CYS B 394 -20.45 17.22 10.15
C CYS B 394 -20.71 15.94 10.93
N LEU B 395 -19.76 15.53 11.75
CA LEU B 395 -19.90 14.28 12.47
C LEU B 395 -20.73 14.40 13.74
N GLU B 396 -21.11 15.61 14.14
CA GLU B 396 -22.11 15.79 15.18
C GLU B 396 -23.53 15.69 14.67
N TYR B 397 -23.70 15.49 13.36
CA TYR B 397 -25.00 15.25 12.75
C TYR B 397 -25.34 13.76 12.75
N PHE B 398 -24.58 12.96 13.47
CA PHE B 398 -24.70 11.54 13.75
C PHE B 398 -25.09 11.33 15.20
N PRO B 399 -25.97 10.37 15.48
CA PRO B 399 -26.28 10.02 16.87
C PRO B 399 -25.09 9.32 17.52
N SER B 400 -24.54 9.93 18.55
CA SER B 400 -23.38 9.39 19.23
C SER B 400 -23.68 9.20 20.71
N GLN B 401 -23.22 8.09 21.26
CA GLN B 401 -23.37 7.82 22.67
C GLN B 401 -22.38 8.65 23.47
N MET B 402 -22.86 9.32 24.51
CA MET B 402 -22.03 10.16 25.36
C MET B 402 -21.67 9.39 26.61
N LEU B 403 -20.38 9.41 26.97
CA LEU B 403 -19.84 8.50 27.97
C LEU B 403 -19.08 9.27 29.03
N ARG B 404 -19.59 9.30 30.25
CA ARG B 404 -18.80 9.71 31.39
C ARG B 404 -17.95 8.54 31.89
N THR B 405 -17.22 8.78 32.97
CA THR B 405 -16.58 7.67 33.67
C THR B 405 -17.66 6.78 34.29
N GLY B 406 -17.41 5.48 34.28
CA GLY B 406 -18.41 4.53 34.66
C GLY B 406 -19.25 4.00 33.52
N ASN B 407 -19.36 4.76 32.43
CA ASN B 407 -20.04 4.28 31.24
C ASN B 407 -19.08 3.51 30.35
N ASN B 408 -19.65 2.69 29.47
CA ASN B 408 -18.85 1.91 28.55
C ASN B 408 -19.57 1.80 27.21
N PHE B 409 -18.80 1.48 26.18
CA PHE B 409 -19.30 1.39 24.81
C PHE B 409 -19.01 0.00 24.27
N THR B 410 -20.01 -0.63 23.65
CA THR B 410 -19.85 -1.93 23.02
C THR B 410 -20.57 -1.95 21.69
N PHE B 411 -20.04 -2.72 20.74
CA PHE B 411 -20.86 -3.20 19.62
C PHE B 411 -20.26 -4.51 19.11
N SER B 412 -21.08 -5.23 18.35
CA SER B 412 -20.65 -6.44 17.68
C SER B 412 -20.80 -6.27 16.18
N TYR B 413 -19.98 -7.00 15.44
CA TYR B 413 -19.97 -6.94 14.00
C TYR B 413 -19.75 -8.34 13.45
N THR B 414 -20.45 -8.67 12.37
CA THR B 414 -20.33 -9.96 11.71
C THR B 414 -19.77 -9.76 10.31
N PHE B 415 -18.65 -10.41 10.02
CA PHE B 415 -18.09 -10.40 8.69
C PHE B 415 -18.97 -11.16 7.70
N GLU B 416 -19.00 -10.67 6.47
CA GLU B 416 -19.69 -11.36 5.39
C GLU B 416 -18.87 -12.57 4.94
N ASP B 417 -19.48 -13.39 4.09
CA ASP B 417 -18.80 -14.59 3.61
C ASP B 417 -17.71 -14.22 2.63
N VAL B 418 -16.50 -14.05 3.14
CA VAL B 418 -15.32 -13.69 2.36
C VAL B 418 -14.63 -15.01 2.05
N PRO B 419 -13.87 -15.13 0.96
CA PRO B 419 -13.06 -16.34 0.76
C PRO B 419 -11.94 -16.45 1.78
N PHE B 420 -11.45 -17.67 1.96
CA PHE B 420 -10.27 -17.90 2.78
C PHE B 420 -9.05 -17.29 2.11
N HIS B 421 -8.15 -16.75 2.92
CA HIS B 421 -6.87 -16.32 2.40
C HIS B 421 -5.98 -17.52 2.16
N SER B 422 -5.34 -17.56 1.00
CA SER B 422 -4.49 -18.69 0.64
C SER B 422 -3.17 -18.58 1.42
N SER B 423 -3.07 -19.33 2.50
CA SER B 423 -1.85 -19.35 3.30
C SER B 423 -0.99 -20.57 2.96
N TYR B 424 -0.97 -20.93 1.69
CA TYR B 424 -0.19 -22.05 1.17
C TYR B 424 0.61 -21.59 -0.04
N ALA B 425 1.82 -22.09 -0.18
CA ALA B 425 2.47 -21.96 -1.47
C ALA B 425 1.99 -23.07 -2.39
N HIS B 426 2.36 -23.00 -3.65
CA HIS B 426 2.10 -24.09 -4.57
C HIS B 426 3.36 -24.95 -4.69
N SER B 427 3.16 -26.26 -4.62
CA SER B 427 4.24 -27.22 -4.81
C SER B 427 4.45 -27.57 -6.27
N GLN B 428 3.68 -26.97 -7.17
CA GLN B 428 3.83 -27.16 -8.61
C GLN B 428 3.65 -25.83 -9.32
N SER B 429 4.39 -25.68 -10.42
CA SER B 429 4.23 -24.50 -11.26
C SER B 429 3.20 -24.75 -12.34
N LEU B 430 2.73 -23.66 -12.95
CA LEU B 430 1.66 -23.73 -13.92
C LEU B 430 2.13 -24.37 -15.22
N ASP B 431 3.41 -24.22 -15.55
CA ASP B 431 3.96 -24.83 -16.76
C ASP B 431 4.49 -26.23 -16.53
N ARG B 432 4.44 -26.75 -15.30
CA ARG B 432 4.84 -28.11 -14.98
C ARG B 432 3.67 -28.78 -14.24
N LEU B 433 2.70 -29.26 -15.01
CA LEU B 433 1.48 -29.86 -14.50
C LEU B 433 1.09 -31.11 -15.27
N MET B 434 2.06 -31.95 -15.62
CA MET B 434 1.79 -33.03 -16.56
C MET B 434 2.68 -34.21 -16.24
N ASN B 435 2.53 -35.27 -17.03
CA ASN B 435 3.30 -36.48 -16.87
C ASN B 435 4.49 -36.42 -17.81
N PRO B 436 5.72 -36.49 -17.30
CA PRO B 436 6.88 -36.54 -18.21
C PRO B 436 7.01 -37.85 -18.93
N LEU B 437 6.39 -38.91 -18.40
CA LEU B 437 6.60 -40.24 -18.94
C LEU B 437 5.81 -40.45 -20.21
N ILE B 438 4.70 -39.73 -20.36
CA ILE B 438 3.75 -39.96 -21.43
C ILE B 438 3.78 -38.75 -22.35
N ASP B 439 3.80 -39.00 -23.65
CA ASP B 439 3.73 -37.93 -24.62
C ASP B 439 2.29 -37.43 -24.74
N GLN B 440 2.13 -36.32 -25.43
CA GLN B 440 0.80 -35.84 -25.75
C GLN B 440 0.36 -36.38 -27.10
N TYR B 441 -0.94 -36.31 -27.37
CA TYR B 441 -1.46 -36.67 -28.66
C TYR B 441 -1.64 -35.47 -29.58
N LEU B 442 -1.29 -34.28 -29.12
CA LEU B 442 -1.32 -33.09 -29.96
C LEU B 442 0.00 -32.90 -30.69
N TYR B 443 -0.04 -32.03 -31.69
CA TYR B 443 1.12 -31.65 -32.48
C TYR B 443 1.38 -30.16 -32.33
N TYR B 444 2.64 -29.77 -32.46
CA TYR B 444 3.02 -28.38 -32.27
C TYR B 444 4.01 -27.97 -33.36
N LEU B 445 4.55 -26.78 -33.16
CA LEU B 445 5.54 -26.11 -34.00
C LEU B 445 6.90 -26.75 -33.80
N SER B 446 7.28 -27.72 -34.62
CA SER B 446 8.60 -28.29 -34.38
C SER B 446 9.67 -27.60 -35.20
N ARG B 447 9.46 -27.50 -36.51
CA ARG B 447 10.48 -27.01 -37.41
C ARG B 447 9.80 -26.49 -38.65
N THR B 448 10.30 -25.37 -39.18
CA THR B 448 9.68 -24.71 -40.33
C THR B 448 10.58 -24.70 -41.56
N ASN B 449 11.59 -25.57 -41.61
CA ASN B 449 12.44 -25.74 -42.77
C ASN B 449 13.08 -27.12 -42.70
N THR B 450 13.98 -27.40 -43.64
CA THR B 450 14.82 -28.59 -43.57
C THR B 450 16.28 -28.22 -43.80
N PRO B 451 17.20 -28.85 -43.09
CA PRO B 451 18.59 -28.83 -43.54
C PRO B 451 18.73 -29.70 -44.77
N SER B 452 18.81 -29.08 -45.95
CA SER B 452 18.87 -29.79 -47.22
C SER B 452 20.29 -29.84 -47.77
N GLY B 453 21.28 -29.93 -46.90
CA GLY B 453 22.67 -29.91 -47.32
C GLY B 453 23.24 -28.50 -47.40
N THR B 454 22.65 -27.68 -48.26
CA THR B 454 23.09 -26.30 -48.44
C THR B 454 22.02 -25.27 -48.13
N THR B 455 20.78 -25.51 -48.56
CA THR B 455 19.69 -24.55 -48.42
C THR B 455 18.56 -25.14 -47.58
N THR B 456 17.43 -24.43 -47.54
CA THR B 456 16.22 -24.85 -46.83
C THR B 456 15.05 -24.80 -47.79
N GLN B 457 13.94 -25.44 -47.41
CA GLN B 457 12.80 -25.53 -48.31
C GLN B 457 11.43 -25.38 -47.63
N SER B 458 11.38 -25.07 -46.33
CA SER B 458 10.17 -24.69 -45.59
C SER B 458 9.12 -25.82 -45.59
N ARG B 459 9.45 -26.91 -44.90
CA ARG B 459 8.61 -28.10 -44.91
C ARG B 459 7.44 -28.06 -43.92
N LEU B 460 7.52 -27.22 -42.87
CA LEU B 460 6.46 -27.05 -41.85
C LEU B 460 6.17 -28.36 -41.12
N GLN B 461 7.13 -28.76 -40.30
CA GLN B 461 7.11 -30.02 -39.59
C GLN B 461 6.33 -29.91 -38.26
N PHE B 462 6.01 -31.05 -37.66
CA PHE B 462 5.17 -31.10 -36.46
C PHE B 462 5.65 -32.23 -35.55
N SER B 463 5.65 -32.00 -34.23
CA SER B 463 6.16 -33.00 -33.30
C SER B 463 5.20 -33.20 -32.12
N GLN B 464 5.55 -34.15 -31.26
CA GLN B 464 4.94 -34.34 -29.95
C GLN B 464 5.96 -34.04 -28.87
N ALA B 465 5.45 -33.66 -27.70
CA ALA B 465 6.28 -33.23 -26.59
C ALA B 465 5.85 -33.96 -25.33
N GLY B 466 6.69 -34.87 -24.84
CA GLY B 466 6.49 -35.31 -23.47
C GLY B 466 7.53 -34.83 -22.47
N ALA B 467 8.80 -35.06 -22.78
CA ALA B 467 9.86 -34.75 -21.82
C ALA B 467 10.94 -33.85 -22.41
N SER B 468 11.43 -34.23 -23.58
CA SER B 468 12.64 -33.63 -24.14
C SER B 468 12.39 -32.23 -24.68
N ASP B 469 11.14 -31.90 -24.98
CA ASP B 469 10.75 -30.63 -25.55
C ASP B 469 9.59 -30.06 -24.77
N ILE B 470 9.79 -29.96 -23.45
CA ILE B 470 8.69 -29.77 -22.52
C ILE B 470 8.13 -28.34 -22.51
N ARG B 471 8.81 -27.39 -23.15
CA ARG B 471 8.36 -26.00 -23.14
C ARG B 471 7.16 -25.74 -24.04
N ASP B 472 6.96 -26.55 -25.07
CA ASP B 472 5.93 -26.23 -26.04
C ASP B 472 4.91 -27.36 -26.23
N GLN B 473 4.77 -28.23 -25.24
CA GLN B 473 3.46 -28.77 -24.93
C GLN B 473 2.76 -27.77 -24.03
N SER B 474 1.49 -27.48 -24.31
CA SER B 474 0.80 -26.49 -23.52
C SER B 474 -0.63 -26.92 -23.28
N ARG B 475 -1.31 -26.15 -22.44
CA ARG B 475 -2.48 -26.65 -21.73
C ARG B 475 -3.57 -25.60 -21.71
N ASN B 476 -4.45 -25.80 -20.74
CA ASN B 476 -5.71 -25.12 -20.57
C ASN B 476 -5.58 -23.81 -19.82
N TRP B 477 -4.42 -23.53 -19.22
CA TRP B 477 -4.34 -22.46 -18.25
C TRP B 477 -3.14 -21.57 -18.52
N LEU B 478 -3.30 -20.29 -18.20
CA LEU B 478 -2.34 -19.21 -18.40
C LEU B 478 -1.98 -18.58 -17.06
N PRO B 479 -0.82 -17.94 -16.96
CA PRO B 479 -0.48 -17.19 -15.74
C PRO B 479 -1.32 -15.93 -15.62
N GLY B 480 -1.27 -15.35 -14.42
CA GLY B 480 -2.10 -14.21 -14.11
C GLY B 480 -1.63 -12.95 -14.81
N PRO B 481 -2.40 -11.87 -14.63
CA PRO B 481 -2.11 -10.62 -15.34
C PRO B 481 -0.87 -9.92 -14.79
N CYS B 482 -0.38 -8.95 -15.56
CA CYS B 482 0.87 -8.28 -15.24
C CYS B 482 0.73 -6.78 -15.41
N TYR B 483 1.69 -6.06 -14.80
CA TYR B 483 1.83 -4.61 -14.97
C TYR B 483 3.27 -4.30 -14.58
N ARG B 484 4.16 -4.15 -15.58
CA ARG B 484 5.58 -4.33 -15.33
C ARG B 484 6.20 -3.19 -14.50
N GLN B 485 6.88 -3.58 -13.42
CA GLN B 485 7.67 -2.69 -12.59
C GLN B 485 9.11 -2.61 -13.10
N GLN B 486 9.86 -1.63 -12.59
CA GLN B 486 11.30 -1.68 -12.74
C GLN B 486 11.91 -2.67 -11.76
N ARG B 487 13.16 -3.03 -12.03
CA ARG B 487 13.95 -3.90 -11.18
C ARG B 487 14.98 -3.06 -10.47
N VAL B 488 14.93 -3.04 -9.14
CA VAL B 488 15.91 -2.33 -8.32
C VAL B 488 16.66 -3.37 -7.51
N SER B 489 17.98 -3.22 -7.45
CA SER B 489 18.83 -4.15 -6.71
C SER B 489 18.89 -3.76 -5.24
N LYS B 490 19.04 -4.77 -4.38
CA LYS B 490 19.45 -4.50 -3.00
C LYS B 490 20.85 -3.90 -2.96
N THR B 491 21.75 -4.41 -3.79
CA THR B 491 23.10 -3.88 -3.88
C THR B 491 23.08 -2.52 -4.57
N SER B 492 23.70 -1.52 -3.94
CA SER B 492 23.70 -0.17 -4.47
C SER B 492 24.55 -0.02 -5.73
N ALA B 493 25.47 -0.95 -5.97
CA ALA B 493 26.33 -0.86 -7.14
C ALA B 493 25.61 -1.26 -8.43
N ASP B 494 24.66 -2.17 -8.34
CA ASP B 494 23.95 -2.67 -9.52
C ASP B 494 22.76 -1.82 -9.91
N ASN B 495 22.54 -0.71 -9.22
CA ASN B 495 21.49 0.24 -9.57
C ASN B 495 22.10 1.40 -10.36
N ASN B 496 21.22 2.18 -10.99
CA ASN B 496 21.71 3.27 -11.83
C ASN B 496 22.06 4.48 -10.98
N ASN B 497 22.94 5.32 -11.52
CA ASN B 497 23.25 6.61 -10.92
C ASN B 497 22.44 7.69 -11.62
N SER B 498 21.12 7.61 -11.42
CA SER B 498 20.20 8.62 -11.92
C SER B 498 18.98 8.66 -11.02
N GLU B 499 18.14 9.68 -11.21
CA GLU B 499 16.91 9.80 -10.43
C GLU B 499 15.79 9.16 -11.25
N TYR B 500 15.76 7.84 -11.22
CA TYR B 500 14.77 7.05 -11.92
C TYR B 500 13.61 6.66 -11.01
N SER B 501 13.45 7.36 -9.88
CA SER B 501 12.42 7.03 -8.92
C SER B 501 11.02 7.30 -9.48
N TRP B 502 10.73 8.56 -9.79
CA TRP B 502 9.44 8.87 -10.38
C TRP B 502 9.45 8.75 -11.89
N THR B 503 10.56 9.09 -12.54
CA THR B 503 10.63 9.00 -14.00
C THR B 503 10.61 7.56 -14.50
N GLY B 504 11.02 6.59 -13.68
CA GLY B 504 10.96 5.20 -14.05
C GLY B 504 9.85 4.46 -13.34
N ALA B 505 8.88 5.19 -12.80
CA ALA B 505 7.82 4.58 -12.02
C ALA B 505 6.74 3.99 -12.93
N THR B 506 5.68 3.46 -12.32
CA THR B 506 4.63 2.78 -13.04
C THR B 506 3.35 3.60 -13.19
N LYS B 507 3.04 4.50 -12.24
CA LYS B 507 2.23 5.71 -12.38
C LYS B 507 0.93 5.61 -13.19
N TYR B 508 -0.11 4.97 -12.64
CA TYR B 508 -1.41 5.03 -13.32
C TYR B 508 -1.92 6.47 -13.39
N HIS B 509 -2.70 6.73 -14.42
CA HIS B 509 -3.13 8.08 -14.78
C HIS B 509 -4.64 8.17 -14.61
N LEU B 510 -5.10 9.16 -13.86
CA LEU B 510 -6.51 9.26 -13.49
C LEU B 510 -6.85 10.73 -13.30
N ASN B 511 -7.82 11.21 -14.09
CA ASN B 511 -8.31 12.60 -14.06
C ASN B 511 -7.19 13.59 -14.32
N GLY B 512 -6.29 13.23 -15.24
CA GLY B 512 -5.21 14.12 -15.60
C GLY B 512 -4.07 14.21 -14.62
N ARG B 513 -4.07 13.37 -13.59
CA ARG B 513 -2.98 13.34 -12.62
C ARG B 513 -2.47 11.91 -12.43
N ASP B 514 -1.16 11.78 -12.24
CA ASP B 514 -0.55 10.46 -12.13
C ASP B 514 -0.46 10.03 -10.67
N SER B 515 -0.36 8.72 -10.47
CA SER B 515 -0.28 8.15 -9.13
C SER B 515 0.43 6.82 -9.22
N LEU B 516 1.44 6.64 -8.38
CA LEU B 516 2.18 5.38 -8.28
C LEU B 516 1.24 4.25 -7.88
N VAL B 517 1.48 3.04 -8.42
CA VAL B 517 0.49 1.98 -8.22
C VAL B 517 0.61 1.37 -6.82
N ASN B 518 1.84 1.00 -6.39
CA ASN B 518 2.33 0.75 -5.03
C ASN B 518 1.34 -0.01 -4.14
N PRO B 519 1.24 -1.34 -4.26
CA PRO B 519 2.10 -2.22 -5.04
C PRO B 519 1.52 -2.70 -6.36
N GLY B 520 0.23 -2.46 -6.59
CA GLY B 520 -0.40 -2.87 -7.81
C GLY B 520 -0.77 -4.34 -7.80
N PRO B 521 -0.87 -4.95 -8.97
CA PRO B 521 -1.29 -6.35 -9.06
C PRO B 521 -0.29 -7.31 -8.44
N ALA B 522 -0.80 -8.44 -7.97
CA ALA B 522 0.01 -9.42 -7.26
C ALA B 522 0.85 -10.18 -8.26
N MET B 523 2.15 -9.95 -8.22
CA MET B 523 3.11 -10.62 -9.08
C MET B 523 4.28 -11.08 -8.25
N ALA B 524 5.09 -11.97 -8.81
CA ALA B 524 6.28 -12.44 -8.12
C ALA B 524 7.31 -11.33 -8.07
N SER B 525 8.04 -11.26 -6.95
CA SER B 525 9.03 -10.21 -6.78
C SER B 525 10.22 -10.44 -7.69
N HIS B 526 10.63 -11.68 -7.85
CA HIS B 526 11.81 -12.00 -8.64
C HIS B 526 11.72 -13.44 -9.12
N LYS B 527 12.61 -13.79 -10.03
CA LYS B 527 12.67 -15.12 -10.62
C LYS B 527 13.56 -16.02 -9.76
N ASP B 528 13.94 -17.17 -10.29
CA ASP B 528 14.74 -18.13 -9.54
C ASP B 528 16.16 -17.61 -9.32
N ASP B 529 16.60 -17.64 -8.07
CA ASP B 529 17.97 -17.37 -7.64
C ASP B 529 18.43 -15.95 -7.98
N GLU B 530 17.51 -14.99 -7.95
CA GLU B 530 17.86 -13.58 -7.98
C GLU B 530 17.18 -12.89 -6.82
N GLU B 531 17.75 -13.03 -5.62
CA GLU B 531 17.06 -12.58 -4.42
C GLU B 531 17.39 -11.13 -4.09
N LYS B 532 18.44 -10.60 -4.70
CA LYS B 532 18.86 -9.23 -4.48
C LYS B 532 18.05 -8.21 -5.28
N PHE B 533 17.08 -8.67 -6.07
CA PHE B 533 16.29 -7.81 -6.94
C PHE B 533 14.87 -7.70 -6.38
N PHE B 534 14.28 -6.52 -6.46
CA PHE B 534 12.92 -6.33 -6.03
C PHE B 534 12.23 -5.34 -6.97
N PRO B 535 10.92 -5.48 -7.17
CA PRO B 535 10.20 -4.52 -8.00
C PRO B 535 10.17 -3.15 -7.35
N GLN B 536 10.16 -2.11 -8.18
CA GLN B 536 10.39 -0.76 -7.70
C GLN B 536 9.26 -0.27 -6.81
N SER B 537 8.02 -0.48 -7.24
CA SER B 537 6.84 -0.17 -6.45
C SER B 537 5.84 -1.32 -6.54
N GLY B 538 6.31 -2.54 -6.34
CA GLY B 538 5.44 -3.70 -6.46
C GLY B 538 5.43 -4.56 -5.24
N VAL B 539 6.09 -4.10 -4.18
CA VAL B 539 6.30 -4.87 -2.96
C VAL B 539 6.02 -3.96 -1.78
N LEU B 540 5.27 -4.46 -0.79
CA LEU B 540 5.08 -3.75 0.47
C LEU B 540 6.42 -3.63 1.20
N ILE B 541 6.74 -2.42 1.64
CA ILE B 541 7.99 -2.16 2.34
C ILE B 541 7.64 -1.65 3.73
N PHE B 542 7.85 -2.47 4.74
CA PHE B 542 7.64 -2.05 6.11
C PHE B 542 8.90 -1.39 6.64
N GLY B 543 8.88 -1.00 7.89
CA GLY B 543 10.04 -0.37 8.49
C GLY B 543 10.51 -1.05 9.75
N LYS B 544 11.74 -0.78 10.15
CA LYS B 544 12.26 -1.30 11.39
C LYS B 544 11.87 -0.37 12.54
N GLN B 545 12.36 -0.66 13.73
CA GLN B 545 12.01 0.17 14.88
C GLN B 545 12.78 1.49 14.81
N GLY B 546 12.06 2.59 15.05
CA GLY B 546 12.70 3.89 15.10
C GLY B 546 13.14 4.44 13.76
N SER B 547 12.70 3.84 12.66
CA SER B 547 13.04 4.35 11.35
C SER B 547 12.29 5.65 11.10
N GLU B 548 12.98 6.61 10.49
CA GLU B 548 12.44 7.95 10.37
C GLU B 548 11.35 8.00 9.30
N LYS B 549 10.70 9.15 9.22
CA LYS B 549 9.57 9.30 8.33
C LYS B 549 10.00 9.43 6.87
N THR B 550 11.19 9.99 6.63
CA THR B 550 11.58 10.28 5.26
C THR B 550 13.06 9.99 5.01
N ASN B 551 13.33 9.49 3.81
CA ASN B 551 14.68 9.33 3.24
C ASN B 551 15.57 8.43 4.09
N VAL B 552 15.04 7.28 4.46
CA VAL B 552 15.79 6.31 5.25
C VAL B 552 16.46 5.32 4.30
N ASP B 553 17.55 4.72 4.76
CA ASP B 553 18.40 3.92 3.90
C ASP B 553 17.81 2.52 3.75
N ILE B 554 18.44 1.69 2.91
CA ILE B 554 17.96 0.35 2.61
C ILE B 554 18.04 -0.59 3.82
N GLU B 555 18.92 -0.30 4.79
CA GLU B 555 19.02 -1.14 5.98
C GLU B 555 18.04 -0.72 7.07
N LYS B 556 17.34 0.39 6.90
CA LYS B 556 16.34 0.83 7.86
C LYS B 556 14.95 0.31 7.53
N VAL B 557 14.81 -0.38 6.39
CA VAL B 557 13.51 -0.86 5.93
C VAL B 557 13.57 -2.39 5.87
N MET B 558 12.39 -2.99 5.76
CA MET B 558 12.27 -4.43 5.54
C MET B 558 11.37 -4.68 4.33
N ILE B 559 12.00 -5.07 3.23
CA ILE B 559 11.30 -5.35 1.99
C ILE B 559 10.73 -6.75 2.06
N THR B 560 9.43 -6.89 1.80
CA THR B 560 8.80 -8.20 1.82
C THR B 560 9.11 -8.93 0.52
N ASP B 561 8.53 -10.11 0.35
CA ASP B 561 8.89 -10.94 -0.79
C ASP B 561 7.67 -11.73 -1.22
N GLU B 562 7.45 -11.80 -2.53
CA GLU B 562 6.35 -12.57 -3.08
C GLU B 562 6.88 -13.71 -3.94
N GLU B 563 7.89 -14.42 -3.45
CA GLU B 563 8.53 -15.47 -4.23
C GLU B 563 7.75 -16.78 -4.20
N GLU B 564 6.65 -16.86 -3.45
CA GLU B 564 5.86 -18.08 -3.41
C GLU B 564 4.86 -18.15 -4.55
N ILE B 565 4.58 -17.04 -5.22
CA ILE B 565 3.60 -17.02 -6.30
C ILE B 565 4.32 -16.96 -7.63
N ARG B 566 5.56 -17.44 -7.67
CA ARG B 566 6.26 -17.63 -8.93
C ARG B 566 5.65 -18.75 -9.76
N THR B 567 4.81 -19.60 -9.14
CA THR B 567 4.23 -20.73 -9.84
C THR B 567 3.11 -20.30 -10.78
N THR B 568 2.32 -19.30 -10.38
CA THR B 568 1.18 -18.84 -11.16
C THR B 568 1.26 -17.39 -11.58
N ASN B 569 1.80 -16.53 -10.77
CA ASN B 569 1.90 -15.14 -11.16
C ASN B 569 3.23 -14.88 -11.87
N PRO B 570 3.24 -13.96 -12.83
CA PRO B 570 4.49 -13.60 -13.50
C PRO B 570 5.41 -12.82 -12.57
N VAL B 571 6.69 -12.77 -12.96
CA VAL B 571 7.64 -11.91 -12.28
C VAL B 571 7.31 -10.46 -12.64
N ALA B 572 7.29 -9.59 -11.62
CA ALA B 572 6.80 -8.23 -11.82
C ALA B 572 7.75 -7.40 -12.65
N THR B 573 9.03 -7.70 -12.63
CA THR B 573 10.04 -6.94 -13.33
C THR B 573 10.28 -7.43 -14.74
N GLU B 574 9.47 -8.37 -15.23
CA GLU B 574 9.69 -8.98 -16.52
C GLU B 574 8.42 -8.92 -17.35
N GLN B 575 8.55 -9.38 -18.59
CA GLN B 575 7.45 -9.41 -19.54
C GLN B 575 6.41 -10.47 -19.15
N TYR B 576 5.23 -10.34 -19.74
CA TYR B 576 4.29 -11.44 -19.68
C TYR B 576 4.55 -12.44 -20.79
N GLY B 577 4.89 -11.95 -21.97
CA GLY B 577 5.08 -12.82 -23.10
C GLY B 577 5.52 -12.02 -24.30
N SER B 578 5.31 -12.60 -25.49
CA SER B 578 5.76 -11.96 -26.72
C SER B 578 4.79 -12.33 -27.84
N VAL B 579 3.79 -11.49 -28.04
CA VAL B 579 2.82 -11.73 -29.11
C VAL B 579 3.40 -11.34 -30.45
N SER B 580 2.72 -11.71 -31.52
CA SER B 580 3.19 -11.43 -32.86
C SER B 580 2.77 -10.02 -33.28
N THR B 581 3.51 -9.47 -34.24
CA THR B 581 3.24 -8.15 -34.76
C THR B 581 2.92 -8.12 -36.25
N ASN B 582 3.44 -9.06 -37.03
CA ASN B 582 3.29 -9.02 -38.47
C ASN B 582 2.63 -10.30 -38.97
N LEU B 583 2.47 -10.35 -40.28
CA LEU B 583 1.87 -11.49 -40.98
C LEU B 583 2.94 -11.99 -41.93
N GLN B 584 3.64 -13.05 -41.55
CA GLN B 584 4.82 -13.48 -42.28
C GLN B 584 4.46 -14.10 -43.64
N ARG B 585 5.28 -13.81 -44.63
CA ARG B 585 5.21 -14.46 -45.93
C ARG B 585 6.65 -14.68 -46.39
N GLY B 586 6.81 -15.00 -47.68
CA GLY B 586 8.07 -15.51 -48.20
C GLY B 586 9.23 -14.53 -48.15
N ASN B 587 8.97 -13.24 -48.04
CA ASN B 587 10.05 -12.26 -48.05
C ASN B 587 10.40 -11.69 -46.68
N ARG B 588 9.42 -11.34 -45.85
CA ARG B 588 9.73 -10.79 -44.53
C ARG B 588 9.57 -11.86 -43.45
N GLN B 589 10.18 -11.59 -42.31
CA GLN B 589 10.22 -12.54 -41.21
C GLN B 589 9.14 -12.23 -40.19
N ALA B 590 8.86 -13.22 -39.35
CA ALA B 590 7.93 -13.06 -38.25
C ALA B 590 8.59 -12.24 -37.15
N ALA B 591 7.96 -11.16 -36.75
CA ALA B 591 8.46 -10.28 -35.70
C ALA B 591 7.51 -10.36 -34.52
N THR B 592 8.07 -10.53 -33.33
CA THR B 592 7.28 -10.58 -32.11
C THR B 592 7.21 -9.22 -31.44
N ALA B 593 6.67 -9.22 -30.22
CA ALA B 593 6.51 -8.00 -29.42
C ALA B 593 6.98 -8.28 -28.01
N ASP B 594 6.63 -7.38 -27.09
CA ASP B 594 7.02 -7.51 -25.69
C ASP B 594 5.78 -7.11 -24.89
N VAL B 595 5.09 -8.11 -24.35
CA VAL B 595 3.84 -7.86 -23.63
C VAL B 595 4.19 -7.37 -22.22
N ASN B 596 3.99 -6.09 -21.98
CA ASN B 596 4.29 -5.48 -20.69
C ASN B 596 3.07 -5.24 -19.83
N THR B 597 1.92 -4.97 -20.44
CA THR B 597 0.65 -4.95 -19.75
C THR B 597 -0.21 -6.05 -20.33
N GLN B 598 -0.65 -6.97 -19.50
CA GLN B 598 -1.58 -8.01 -19.93
C GLN B 598 -2.80 -7.95 -19.03
N GLY B 599 -3.94 -7.61 -19.61
CA GLY B 599 -5.19 -7.75 -18.91
C GLY B 599 -5.58 -9.19 -18.77
N VAL B 600 -6.64 -9.43 -18.02
CA VAL B 600 -7.06 -10.79 -17.71
C VAL B 600 -7.72 -11.41 -18.92
N LEU B 601 -7.20 -12.54 -19.37
CA LEU B 601 -7.70 -13.41 -20.43
C LEU B 601 -8.47 -14.57 -19.81
N PRO B 602 -9.38 -15.18 -20.55
CA PRO B 602 -9.98 -16.44 -20.09
C PRO B 602 -8.94 -17.54 -20.05
N GLY B 603 -8.99 -18.34 -18.99
CA GLY B 603 -7.98 -19.33 -18.75
C GLY B 603 -6.84 -18.89 -17.87
N MET B 604 -6.92 -17.71 -17.27
CA MET B 604 -5.89 -17.28 -16.34
C MET B 604 -6.24 -17.71 -14.92
N VAL B 605 -5.25 -18.24 -14.22
CA VAL B 605 -5.33 -18.43 -12.78
C VAL B 605 -4.18 -17.70 -12.14
N TRP B 606 -4.42 -17.16 -10.95
CA TRP B 606 -3.42 -16.38 -10.24
C TRP B 606 -3.67 -16.45 -8.75
N GLN B 607 -2.70 -15.95 -7.99
CA GLN B 607 -2.78 -15.84 -6.55
C GLN B 607 -2.82 -14.38 -6.14
N ASP B 608 -3.44 -14.10 -5.01
CA ASP B 608 -3.47 -12.75 -4.47
C ASP B 608 -2.16 -12.46 -3.74
N ARG B 609 -2.06 -11.26 -3.17
CA ARG B 609 -0.85 -10.89 -2.46
C ARG B 609 -0.87 -11.47 -1.06
N ASP B 610 0.30 -11.86 -0.58
CA ASP B 610 0.50 -12.40 0.76
C ASP B 610 0.09 -11.39 1.82
N VAL B 611 -0.45 -11.90 2.92
CA VAL B 611 -0.71 -11.06 4.09
C VAL B 611 0.44 -11.25 5.06
N TYR B 612 0.66 -10.24 5.88
CA TYR B 612 1.81 -10.21 6.77
C TYR B 612 1.34 -9.92 8.18
N LEU B 613 2.20 -10.20 9.16
CA LEU B 613 1.85 -9.98 10.55
C LEU B 613 1.66 -8.49 10.84
N GLN B 614 2.31 -7.61 10.08
CA GLN B 614 2.12 -6.19 10.26
C GLN B 614 1.49 -5.51 9.06
N GLY B 615 0.89 -6.27 8.15
CA GLY B 615 0.14 -5.70 7.06
C GLY B 615 -1.32 -5.56 7.41
N PRO B 616 -2.11 -5.00 6.49
CA PRO B 616 -3.53 -4.79 6.76
C PRO B 616 -4.32 -6.08 6.69
N ILE B 617 -5.51 -6.04 7.29
CA ILE B 617 -6.40 -7.19 7.31
C ILE B 617 -7.46 -7.08 6.22
N TRP B 618 -8.16 -5.95 6.15
CA TRP B 618 -9.23 -5.80 5.18
C TRP B 618 -9.07 -4.49 4.42
N ALA B 619 -10.04 -4.23 3.55
CA ALA B 619 -10.23 -2.96 2.87
C ALA B 619 -11.66 -2.92 2.37
N LYS B 620 -12.23 -1.72 2.31
CA LYS B 620 -13.57 -1.57 1.81
C LYS B 620 -13.56 -1.63 0.29
N ILE B 621 -14.38 -2.51 -0.27
CA ILE B 621 -14.59 -2.48 -1.72
C ILE B 621 -15.41 -1.25 -2.06
N PRO B 622 -14.97 -0.41 -3.00
CA PRO B 622 -15.73 0.80 -3.33
C PRO B 622 -17.07 0.47 -3.97
N HIS B 623 -18.08 1.24 -3.60
CA HIS B 623 -19.43 0.98 -4.09
C HIS B 623 -19.51 1.50 -5.52
N THR B 624 -19.14 0.64 -6.46
CA THR B 624 -19.10 0.96 -7.87
C THR B 624 -19.97 -0.01 -8.65
N ASP B 625 -20.20 0.33 -9.92
CA ASP B 625 -20.92 -0.57 -10.82
C ASP B 625 -20.08 -1.79 -11.13
N GLY B 626 -18.81 -1.59 -11.44
CA GLY B 626 -17.94 -2.66 -11.86
C GLY B 626 -16.76 -2.81 -10.93
N HIS B 627 -16.44 -4.06 -10.60
CA HIS B 627 -15.23 -4.42 -9.88
C HIS B 627 -14.95 -5.88 -10.21
N PHE B 628 -13.69 -6.18 -10.44
CA PHE B 628 -13.25 -7.52 -10.81
C PHE B 628 -12.23 -8.02 -9.81
N HIS B 629 -12.52 -9.18 -9.23
CA HIS B 629 -11.72 -9.90 -8.25
C HIS B 629 -11.32 -8.96 -7.11
N PRO B 630 -12.24 -8.63 -6.21
CA PRO B 630 -12.04 -7.51 -5.28
C PRO B 630 -11.09 -7.85 -4.13
N SER B 631 -9.91 -8.34 -4.47
CA SER B 631 -8.93 -8.45 -3.40
C SER B 631 -8.17 -7.15 -3.30
N PRO B 632 -7.93 -6.67 -2.08
CA PRO B 632 -7.15 -5.45 -1.89
C PRO B 632 -5.71 -5.67 -2.34
N LEU B 633 -5.19 -4.72 -3.10
CA LEU B 633 -3.88 -4.91 -3.72
C LEU B 633 -2.74 -4.82 -2.72
N MET B 634 -2.96 -4.25 -1.53
CA MET B 634 -1.99 -4.37 -0.47
C MET B 634 -2.15 -5.66 0.33
N GLY B 635 -3.02 -6.55 -0.11
CA GLY B 635 -3.27 -7.81 0.57
C GLY B 635 -4.39 -7.68 1.59
N GLY B 636 -5.14 -8.76 1.71
CA GLY B 636 -6.15 -8.81 2.73
C GLY B 636 -7.49 -9.26 2.19
N PHE B 637 -8.55 -8.86 2.88
CA PHE B 637 -9.90 -9.30 2.61
C PHE B 637 -10.71 -8.15 2.05
N GLY B 638 -11.20 -8.32 0.82
CA GLY B 638 -12.07 -7.31 0.27
C GLY B 638 -13.46 -7.44 0.86
N LEU B 639 -13.97 -6.38 1.48
CA LEU B 639 -15.26 -6.42 2.13
C LEU B 639 -16.12 -5.29 1.59
N LYS B 640 -17.32 -5.62 1.11
CA LYS B 640 -18.26 -4.58 0.71
C LYS B 640 -18.76 -3.81 1.92
N HIS B 641 -19.00 -4.51 3.02
CA HIS B 641 -19.32 -3.90 4.31
C HIS B 641 -18.17 -4.27 5.24
N PRO B 642 -17.18 -3.41 5.39
CA PRO B 642 -16.06 -3.69 6.28
C PRO B 642 -16.47 -3.46 7.73
N PRO B 643 -15.59 -3.77 8.70
CA PRO B 643 -15.83 -3.32 10.07
C PRO B 643 -15.92 -1.81 10.13
N PRO B 644 -16.92 -1.27 10.82
CA PRO B 644 -17.22 0.15 10.69
C PRO B 644 -16.21 1.01 11.41
N GLN B 645 -16.19 2.27 11.01
CA GLN B 645 -15.38 3.27 11.68
C GLN B 645 -15.94 3.55 13.07
N ILE B 646 -15.05 3.62 14.04
CA ILE B 646 -15.43 3.88 15.43
C ILE B 646 -14.86 5.24 15.77
N LEU B 647 -15.73 6.25 15.85
CA LEU B 647 -15.31 7.63 15.97
C LEU B 647 -15.52 8.13 17.38
N ILE B 648 -14.52 8.84 17.90
CA ILE B 648 -14.48 9.24 19.29
C ILE B 648 -13.99 10.69 19.36
N LYS B 649 -14.51 11.43 20.34
CA LYS B 649 -14.26 12.86 20.45
C LYS B 649 -14.55 13.31 21.87
N ASN B 650 -13.68 14.18 22.39
CA ASN B 650 -13.96 14.83 23.66
C ASN B 650 -15.03 15.88 23.48
N THR B 651 -16.05 15.83 24.33
CA THR B 651 -17.09 16.83 24.30
C THR B 651 -16.52 18.18 24.77
N PRO B 652 -16.78 19.27 24.06
CA PRO B 652 -16.22 20.57 24.45
C PRO B 652 -16.87 21.07 25.74
N VAL B 653 -16.03 21.29 26.75
CA VAL B 653 -16.46 21.96 27.97
C VAL B 653 -15.98 23.41 27.89
N PRO B 654 -16.88 24.39 27.81
CA PRO B 654 -16.45 25.77 27.69
C PRO B 654 -15.82 26.29 28.97
N ALA B 655 -14.99 27.32 28.81
CA ALA B 655 -14.42 28.03 29.94
C ALA B 655 -15.42 29.11 30.37
N ASN B 656 -14.96 30.05 31.21
CA ASN B 656 -15.77 31.08 31.83
C ASN B 656 -16.37 32.02 30.79
N PRO B 657 -17.69 32.01 30.60
CA PRO B 657 -18.30 32.95 29.65
C PRO B 657 -18.45 34.33 30.28
N SER B 658 -18.64 35.32 29.41
CA SER B 658 -18.89 36.66 29.89
C SER B 658 -20.29 36.74 30.49
N THR B 659 -20.46 37.63 31.45
CA THR B 659 -21.75 37.81 32.10
C THR B 659 -22.72 38.64 31.26
N THR B 660 -22.26 39.21 30.15
CA THR B 660 -23.16 39.75 29.14
C THR B 660 -23.23 38.79 27.96
N PHE B 661 -24.36 38.79 27.28
CA PHE B 661 -24.57 37.86 26.18
C PHE B 661 -23.78 38.28 24.95
N SER B 662 -23.18 37.30 24.29
CA SER B 662 -22.54 37.48 23.00
C SER B 662 -23.02 36.39 22.07
N ALA B 663 -23.47 36.79 20.88
CA ALA B 663 -24.01 35.83 19.92
C ALA B 663 -22.92 35.08 19.16
N ALA B 664 -21.66 35.45 19.35
CA ALA B 664 -20.57 34.72 18.73
C ALA B 664 -20.39 33.36 19.37
N LYS B 665 -19.74 32.45 18.64
CA LYS B 665 -19.48 31.13 19.16
C LYS B 665 -18.36 31.17 20.20
N PHE B 666 -18.30 30.12 21.01
CA PHE B 666 -17.27 30.00 22.01
C PHE B 666 -15.92 29.69 21.38
N ALA B 667 -14.89 30.38 21.85
CA ALA B 667 -13.52 30.11 21.44
C ALA B 667 -12.63 29.67 22.58
N SER B 668 -13.10 29.76 23.82
CA SER B 668 -12.30 29.45 25.00
C SER B 668 -12.89 28.21 25.66
N PHE B 669 -12.10 27.14 25.71
CA PHE B 669 -12.53 25.87 26.27
C PHE B 669 -11.54 25.42 27.33
N ILE B 670 -12.02 24.58 28.24
CA ILE B 670 -11.13 23.92 29.17
C ILE B 670 -10.33 22.88 28.42
N THR B 671 -9.00 22.98 28.49
CA THR B 671 -8.14 22.04 27.80
C THR B 671 -8.16 20.70 28.52
N GLN B 672 -8.64 19.66 27.83
CA GLN B 672 -8.75 18.37 28.47
C GLN B 672 -8.52 17.27 27.44
N TYR B 673 -8.14 16.11 27.95
CA TYR B 673 -7.95 14.91 27.14
C TYR B 673 -8.60 13.75 27.87
N SER B 674 -8.76 12.64 27.18
CA SER B 674 -9.31 11.45 27.80
C SER B 674 -8.44 10.24 27.50
N THR B 675 -8.53 9.27 28.39
CA THR B 675 -7.82 8.01 28.26
C THR B 675 -8.73 6.89 28.70
N GLY B 676 -8.33 5.67 28.38
CA GLY B 676 -9.15 4.52 28.71
C GLY B 676 -8.59 3.28 28.06
N GLN B 677 -9.33 2.19 28.19
CA GLN B 677 -8.96 0.92 27.60
C GLN B 677 -9.91 0.56 26.47
N VAL B 678 -9.38 -0.16 25.48
CA VAL B 678 -10.11 -0.56 24.29
C VAL B 678 -9.88 -2.04 24.06
N SER B 679 -10.94 -2.80 23.77
CA SER B 679 -10.83 -4.22 23.51
C SER B 679 -11.44 -4.57 22.17
N VAL B 680 -10.73 -5.41 21.41
CA VAL B 680 -11.20 -5.94 20.14
C VAL B 680 -11.09 -7.46 20.21
N GLU B 681 -12.13 -8.17 19.78
CA GLU B 681 -12.19 -9.63 19.87
C GLU B 681 -12.69 -10.18 18.54
N ILE B 682 -11.78 -10.61 17.67
CA ILE B 682 -12.13 -11.14 16.36
C ILE B 682 -12.10 -12.67 16.41
N GLU B 683 -13.16 -13.30 15.93
CA GLU B 683 -13.20 -14.74 15.73
C GLU B 683 -12.81 -15.08 14.31
N TRP B 684 -11.86 -16.00 14.15
CA TRP B 684 -11.33 -16.40 12.86
C TRP B 684 -11.75 -17.84 12.58
N GLU B 685 -11.94 -18.16 11.31
CA GLU B 685 -12.27 -19.52 10.90
C GLU B 685 -11.07 -20.11 10.18
N LEU B 686 -10.61 -21.27 10.63
CA LEU B 686 -9.41 -21.87 10.08
C LEU B 686 -9.75 -22.88 9.00
N GLN B 687 -8.76 -23.15 8.14
CA GLN B 687 -8.86 -24.17 7.10
C GLN B 687 -7.67 -25.09 7.23
N LYS B 688 -7.91 -26.30 7.70
CA LYS B 688 -6.83 -27.21 8.08
C LYS B 688 -6.20 -27.88 6.87
N GLU B 689 -4.90 -28.12 6.97
CA GLU B 689 -4.16 -28.88 5.97
C GLU B 689 -4.66 -30.32 5.90
N ASN B 690 -4.68 -30.87 4.69
CA ASN B 690 -5.08 -32.24 4.44
C ASN B 690 -4.12 -32.88 3.44
N SER B 691 -2.82 -32.72 3.70
CA SER B 691 -1.80 -33.05 2.74
C SER B 691 -1.33 -34.50 2.87
N LYS B 692 -1.06 -35.14 1.73
CA LYS B 692 -0.47 -36.45 1.68
C LYS B 692 1.00 -36.40 1.33
N ARG B 693 1.64 -35.25 1.56
CA ARG B 693 3.05 -35.08 1.28
C ARG B 693 3.89 -35.91 2.24
N TRP B 694 4.91 -36.57 1.69
CA TRP B 694 5.75 -37.46 2.48
C TRP B 694 6.82 -36.69 3.24
N ASN B 695 7.68 -35.99 2.52
CA ASN B 695 8.78 -35.26 3.14
C ASN B 695 8.26 -34.05 3.91
N PRO B 696 9.00 -33.59 4.93
CA PRO B 696 8.53 -32.46 5.74
C PRO B 696 8.44 -31.16 4.96
N GLU B 697 7.62 -30.25 5.47
CA GLU B 697 7.33 -29.00 4.81
C GLU B 697 8.12 -27.86 5.44
N ILE B 698 8.30 -26.80 4.66
CA ILE B 698 8.99 -25.61 5.15
C ILE B 698 8.08 -24.87 6.11
N GLN B 699 8.59 -24.60 7.31
CA GLN B 699 7.83 -23.91 8.34
C GLN B 699 8.63 -22.74 8.89
N TYR B 700 7.92 -21.72 9.34
CA TYR B 700 8.55 -20.58 9.98
C TYR B 700 9.05 -20.98 11.36
N THR B 701 10.36 -20.89 11.55
CA THR B 701 10.97 -21.18 12.84
C THR B 701 11.77 -19.99 13.30
N SER B 702 12.01 -19.94 14.59
CA SER B 702 12.95 -18.99 15.17
C SER B 702 14.36 -19.56 15.11
N ASN B 703 15.34 -18.69 14.95
CA ASN B 703 16.74 -19.11 15.04
C ASN B 703 17.04 -19.50 16.48
N TYR B 704 17.49 -20.72 16.68
CA TYR B 704 17.78 -21.23 18.02
C TYR B 704 19.27 -21.12 18.36
N ASN B 705 19.92 -20.08 17.87
CA ASN B 705 21.32 -19.80 18.18
C ASN B 705 21.41 -18.64 19.17
N LYS B 706 22.61 -18.42 19.70
CA LYS B 706 22.81 -17.34 20.66
C LYS B 706 22.76 -15.99 19.97
N SER B 707 22.09 -15.04 20.64
CA SER B 707 21.94 -13.70 20.12
C SER B 707 21.89 -12.73 21.30
N VAL B 708 22.06 -11.45 20.99
CA VAL B 708 22.02 -10.42 22.04
C VAL B 708 20.58 -10.22 22.50
N ASN B 709 19.66 -10.06 21.55
CA ASN B 709 18.25 -9.87 21.84
C ASN B 709 17.46 -11.00 21.22
N VAL B 710 16.47 -11.50 21.97
CA VAL B 710 15.53 -12.46 21.41
C VAL B 710 14.58 -11.73 20.46
N ASP B 711 14.35 -12.33 19.30
CA ASP B 711 13.47 -11.73 18.29
C ASP B 711 12.04 -11.66 18.77
N PHE B 712 11.35 -10.58 18.36
CA PHE B 712 9.97 -10.26 18.76
C PHE B 712 9.82 -10.14 20.27
N THR B 713 10.84 -9.57 20.92
CA THR B 713 10.76 -9.23 22.33
C THR B 713 11.14 -7.77 22.53
N VAL B 714 11.35 -7.37 23.77
CA VAL B 714 11.74 -6.01 24.09
C VAL B 714 13.26 -5.97 24.25
N ASP B 715 13.81 -4.76 24.18
CA ASP B 715 15.23 -4.54 24.33
C ASP B 715 15.57 -4.32 25.80
N THR B 716 16.78 -3.85 26.07
CA THR B 716 17.14 -3.46 27.43
C THR B 716 16.43 -2.18 27.84
N ASN B 717 16.09 -1.32 26.88
CA ASN B 717 15.35 -0.10 27.14
C ASN B 717 13.85 -0.33 27.19
N GLY B 718 13.38 -1.54 26.93
CA GLY B 718 11.96 -1.83 26.99
C GLY B 718 11.22 -1.48 25.71
N VAL B 719 11.91 -1.47 24.59
CA VAL B 719 11.31 -1.12 23.31
C VAL B 719 11.03 -2.41 22.54
N TYR B 720 9.77 -2.62 22.20
CA TYR B 720 9.40 -3.77 21.39
C TYR B 720 9.75 -3.52 19.93
N SER B 721 10.19 -4.57 19.25
CA SER B 721 10.54 -4.48 17.85
C SER B 721 10.14 -5.77 17.13
N GLU B 722 9.95 -5.65 15.83
CA GLU B 722 9.69 -6.79 14.95
C GLU B 722 10.83 -6.89 13.96
N PRO B 723 11.58 -7.99 13.94
CA PRO B 723 12.82 -8.04 13.14
C PRO B 723 12.60 -8.18 11.64
N ARG B 724 11.52 -8.82 11.24
CA ARG B 724 11.33 -9.18 9.84
C ARG B 724 9.84 -9.30 9.57
N PRO B 725 9.41 -9.16 8.31
CA PRO B 725 8.01 -9.42 7.98
C PRO B 725 7.76 -10.92 7.88
N ILE B 726 6.76 -11.40 8.61
CA ILE B 726 6.37 -12.80 8.53
C ILE B 726 5.18 -12.89 7.60
N GLY B 727 5.32 -13.62 6.51
CA GLY B 727 4.21 -13.91 5.62
C GLY B 727 3.35 -15.02 6.16
N THR B 728 2.56 -15.61 5.28
CA THR B 728 1.69 -16.69 5.70
C THR B 728 1.74 -17.91 4.79
N ARG B 729 2.46 -17.86 3.67
CA ARG B 729 2.56 -18.99 2.76
C ARG B 729 3.79 -19.82 3.08
N TYR B 730 3.62 -20.80 3.94
CA TYR B 730 4.67 -21.75 4.28
C TYR B 730 4.30 -23.19 3.95
N LEU B 731 3.03 -23.55 4.10
CA LEU B 731 2.59 -24.88 3.69
C LEU B 731 2.44 -24.92 2.17
N THR B 732 2.22 -26.11 1.64
CA THR B 732 2.12 -26.30 0.19
C THR B 732 0.84 -27.05 -0.16
N ARG B 733 0.25 -26.69 -1.29
CA ARG B 733 -0.81 -27.48 -1.90
C ARG B 733 -0.47 -27.60 -3.38
N ASN B 734 -0.94 -28.66 -4.01
CA ASN B 734 -0.77 -28.81 -5.45
C ASN B 734 -1.72 -27.87 -6.18
N LEU B 735 -1.40 -27.58 -7.44
CA LEU B 735 -2.34 -26.87 -8.29
C LEU B 735 -3.49 -27.77 -8.70
#